data_8Q8I
#
_entry.id   8Q8I
#
_cell.length_a   126.579
_cell.length_b   50.456
_cell.length_c   51.543
_cell.angle_alpha   90.00
_cell.angle_beta   96.32
_cell.angle_gamma   90.00
#
_symmetry.space_group_name_H-M   'C 1 2 1'
#
loop_
_entity.id
_entity.type
_entity.pdbx_description
1 polymer 'Exostosin GT47 domain-containing protein'
2 non-polymer GLYCEROL
3 non-polymer 'CALCIUM ION'
4 non-polymer 'MAGNESIUM ION'
5 non-polymer (2~{R},3~{S},4~{S},5~{S},6~{R})-2-[(2~{S},3~{R},4~{R},5~{S},6~{R})-5-[(2~{R},3~{R},4~{S},5~{R},6~{R})-6-(hydroxymethyl)-3,4,5-tris(oxidanyl)oxan-2-yl]oxy-2-methyl-6-octoxy-3-oxidanyl-oxan-4-yl]oxy-6-methyl-oxane-3,4,5-triol
6 non-polymer 1,2-ETHANEDIOL
7 non-polymer DI(HYDROXYETHYL)ETHER
8 non-polymer BICINE
9 water water
#
_entity_poly.entity_id   1
_entity_poly.type   'polypeptide(L)'
_entity_poly.pdbx_seq_one_letter_code
;GAMKLAELTLESDDFITSDKLFNFCKSTIFGAKYVKTDFIKFRQYQYIVSNCGWRDDTDVVFLENTPVLVTGHSDYDISE
REIDIIRLPNIRAWFCQNRNIPHPKVISFPLGITNKDEPNSEIHRIIGNTDRILEVSKTPKEIKNLVYMNITVKNFPEER
QRIVDLYSDKSWVTIGKGEVSEEGHRKFLEDMYAHKFCFAPRGNGIDTHRLWESLYLRTIPIVKKHIAMEQFTDLPILFV
NDWENITEEYLNEQYDIIMAKDWNLDKLKIDYWYQKILEYSQ
;
_entity_poly.pdbx_strand_id   A
#
loop_
_chem_comp.id
_chem_comp.type
_chem_comp.name
_chem_comp.formula
BCN non-polymer BICINE 'C6 H13 N O4'
CA non-polymer 'CALCIUM ION' 'Ca 2'
EDO non-polymer 1,2-ETHANEDIOL 'C2 H6 O2'
GOL non-polymer GLYCEROL 'C3 H8 O3'
MG non-polymer 'MAGNESIUM ION' 'Mg 2'
O5R non-polymer (2~{R},3~{S},4~{S},5~{S},6~{R})-2-[(2~{S},3~{R},4~{R},5~{S},6~{R})-5-[(2~{R},3~{R},4~{S},5~{R},6~{R})-6-(hydroxymethyl)-3,4,5-tris(oxidanyl)oxan-2-yl]oxy-2-methyl-6-octoxy-3-oxidanyl-oxan-4-yl]oxy-6-methyl-oxane-3,4,5-triol 'C26 H48 O14'
PEG non-polymer DI(HYDROXYETHYL)ETHER 'C4 H10 O3'
#
# COMPACT_ATOMS: atom_id res chain seq x y z
N GLY A 1 15.46 10.96 1.81
CA GLY A 1 15.26 12.12 0.91
C GLY A 1 14.10 13.00 1.33
N ALA A 2 14.25 13.65 2.50
CA ALA A 2 13.19 14.53 3.00
C ALA A 2 12.88 15.62 1.99
N MET A 3 11.59 15.71 1.62
CA MET A 3 11.15 16.72 0.67
C MET A 3 9.65 16.88 0.82
N LYS A 4 9.13 17.94 0.20
CA LYS A 4 7.70 18.22 0.25
C LYS A 4 6.96 17.38 -0.78
N LEU A 5 5.73 16.98 -0.44
CA LEU A 5 4.95 16.13 -1.33
C LEU A 5 4.84 16.74 -2.72
N ALA A 6 4.64 18.06 -2.79
CA ALA A 6 4.55 18.73 -4.09
C ALA A 6 5.77 18.46 -4.96
N GLU A 7 6.91 18.15 -4.36
CA GLU A 7 8.15 17.92 -5.09
C GLU A 7 8.33 16.47 -5.51
N LEU A 8 7.29 15.65 -5.41
CA LEU A 8 7.42 14.23 -5.70
C LEU A 8 7.56 14.01 -7.20
N THR A 9 8.76 13.65 -7.64
CA THR A 9 9.02 13.27 -9.02
C THR A 9 9.15 11.76 -9.10
N LEU A 10 8.69 11.18 -10.20
CA LEU A 10 8.59 9.74 -10.32
C LEU A 10 9.14 9.26 -11.66
N GLU A 11 9.75 8.08 -11.63
CA GLU A 11 10.19 7.35 -12.82
C GLU A 11 9.33 6.10 -12.99
N SER A 12 9.42 5.52 -14.18
CA SER A 12 8.54 4.40 -14.51
C SER A 12 8.74 3.22 -13.56
N ASP A 13 9.97 2.99 -13.11
CA ASP A 13 10.29 1.82 -12.30
C ASP A 13 10.31 2.12 -10.80
N ASP A 14 9.79 3.26 -10.39
CA ASP A 14 9.79 3.62 -8.98
C ASP A 14 8.59 3.08 -8.22
N PHE A 15 7.52 2.71 -8.91
CA PHE A 15 6.31 2.26 -8.24
C PHE A 15 6.56 0.94 -7.50
N ILE A 16 6.06 0.87 -6.28
CA ILE A 16 6.23 -0.33 -5.47
C ILE A 16 5.15 -1.34 -5.85
N THR A 17 5.58 -2.57 -6.13
CA THR A 17 4.68 -3.68 -6.33
C THR A 17 5.28 -4.91 -5.67
N SER A 18 4.44 -5.68 -4.98
CA SER A 18 4.93 -6.87 -4.29
C SER A 18 5.64 -7.82 -5.24
N ASP A 19 5.26 -7.82 -6.53
CA ASP A 19 5.98 -8.62 -7.51
C ASP A 19 7.44 -8.21 -7.59
N LYS A 20 7.70 -6.91 -7.71
CA LYS A 20 9.08 -6.44 -7.82
C LYS A 20 9.93 -6.96 -6.66
N LEU A 21 9.35 -7.07 -5.47
CA LEU A 21 10.08 -7.62 -4.34
C LEU A 21 10.26 -9.13 -4.47
N PHE A 22 9.34 -9.80 -5.17
CA PHE A 22 9.48 -11.24 -5.37
C PHE A 22 10.67 -11.54 -6.28
N ASN A 23 10.75 -10.88 -7.43
CA ASN A 23 11.86 -11.11 -8.34
C ASN A 23 13.18 -10.66 -7.72
N PHE A 24 13.16 -9.60 -6.92
CA PHE A 24 14.38 -9.15 -6.25
C PHE A 24 14.88 -10.18 -5.25
N CYS A 25 13.97 -10.96 -4.66
CA CYS A 25 14.36 -12.01 -3.73
C CYS A 25 14.67 -13.30 -4.47
N LYS A 26 13.88 -13.66 -5.48
CA LYS A 26 14.18 -14.84 -6.28
C LYS A 26 15.48 -14.65 -7.06
N SER A 27 15.73 -13.44 -7.54
CA SER A 27 16.93 -13.11 -8.28
C SER A 27 17.64 -11.96 -7.56
N THR A 28 18.84 -12.24 -7.05
CA THR A 28 19.64 -11.32 -6.21
C THR A 28 19.53 -11.73 -4.75
N GLY A 31 20.04 -14.32 0.83
CA GLY A 31 19.63 -14.28 2.22
C GLY A 31 18.29 -13.59 2.40
N ALA A 32 17.37 -13.82 1.47
CA ALA A 32 16.05 -13.20 1.53
C ALA A 32 15.09 -14.05 0.72
N LYS A 33 14.04 -14.55 1.38
CA LYS A 33 13.04 -15.39 0.73
C LYS A 33 11.70 -14.65 0.71
N TYR A 34 11.05 -14.66 -0.44
CA TYR A 34 9.71 -14.12 -0.58
C TYR A 34 8.71 -15.27 -0.54
N VAL A 35 7.75 -15.18 0.38
CA VAL A 35 6.70 -16.19 0.53
C VAL A 35 5.36 -15.48 0.57
N LYS A 36 4.47 -15.86 -0.34
CA LYS A 36 3.09 -15.38 -0.29
C LYS A 36 2.51 -15.63 1.10
N THR A 37 1.98 -14.57 1.72
CA THR A 37 1.53 -14.67 3.11
C THR A 37 0.62 -15.87 3.32
N ASP A 38 -0.13 -16.26 2.29
CA ASP A 38 -1.08 -17.37 2.44
C ASP A 38 -0.36 -18.65 2.86
N PHE A 39 0.82 -18.91 2.30
CA PHE A 39 1.56 -20.11 2.65
C PHE A 39 2.16 -20.03 4.04
N ILE A 40 2.32 -18.82 4.57
CA ILE A 40 2.71 -18.68 5.98
C ILE A 40 1.50 -18.88 6.87
N LYS A 41 0.33 -18.38 6.45
CA LYS A 41 -0.87 -18.48 7.28
C LYS A 41 -1.38 -19.91 7.37
N PHE A 42 -1.33 -20.64 6.25
CA PHE A 42 -1.86 -22.00 6.18
C PHE A 42 -0.73 -23.02 6.00
N ARG A 43 0.40 -22.78 6.66
CA ARG A 43 1.53 -23.69 6.59
C ARG A 43 1.20 -25.00 7.29
N GLN A 44 1.69 -26.11 6.72
CA GLN A 44 1.52 -27.41 7.33
C GLN A 44 2.62 -27.74 8.33
N TYR A 45 3.81 -27.18 8.14
CA TYR A 45 4.93 -27.35 9.05
C TYR A 45 5.17 -26.04 9.79
N GLN A 46 5.83 -26.16 10.95
CA GLN A 46 6.05 -24.98 11.78
C GLN A 46 7.05 -24.02 11.13
N TYR A 47 8.22 -24.52 10.74
CA TYR A 47 9.29 -23.69 10.20
C TYR A 47 9.68 -24.08 8.78
N ILE A 48 8.78 -24.75 8.05
CA ILE A 48 9.01 -25.13 6.66
C ILE A 48 7.80 -24.67 5.86
N VAL A 49 8.04 -23.84 4.84
CA VAL A 49 6.99 -23.33 3.97
C VAL A 49 7.50 -23.36 2.54
N SER A 50 6.61 -23.09 1.60
CA SER A 50 6.95 -23.05 0.19
C SER A 50 5.83 -22.37 -0.57
N ASN A 51 6.15 -21.92 -1.78
CA ASN A 51 5.16 -21.26 -2.63
C ASN A 51 4.34 -22.25 -3.45
N CYS A 52 4.76 -23.53 -3.49
CA CYS A 52 3.94 -24.61 -4.06
C CYS A 52 3.62 -24.37 -5.53
N GLY A 53 4.54 -23.73 -6.25
CA GLY A 53 4.35 -23.44 -7.66
C GLY A 53 3.86 -22.03 -7.95
N TRP A 54 3.24 -21.37 -6.98
CA TRP A 54 2.80 -20.00 -7.17
C TRP A 54 3.96 -19.14 -7.67
N ARG A 55 3.71 -18.43 -8.77
CA ARG A 55 4.75 -17.67 -9.47
C ARG A 55 5.89 -18.58 -9.91
N ASP A 56 5.58 -19.85 -10.18
CA ASP A 56 6.56 -20.83 -10.64
C ASP A 56 7.73 -20.91 -9.66
N ASP A 57 7.40 -21.07 -8.38
CA ASP A 57 8.40 -21.18 -7.31
C ASP A 57 8.08 -22.42 -6.48
N THR A 58 8.78 -23.51 -6.78
CA THR A 58 8.64 -24.76 -6.04
C THR A 58 9.65 -24.88 -4.90
N ASP A 59 10.50 -23.88 -4.72
CA ASP A 59 11.55 -23.95 -3.71
C ASP A 59 10.94 -24.14 -2.33
N VAL A 60 11.60 -24.97 -1.52
CA VAL A 60 11.23 -25.18 -0.12
C VAL A 60 12.03 -24.20 0.74
N VAL A 61 11.35 -23.51 1.64
CA VAL A 61 11.95 -22.50 2.50
C VAL A 61 12.10 -23.06 3.90
N PHE A 62 13.31 -23.02 4.42
CA PHE A 62 13.60 -23.41 5.80
C PHE A 62 13.71 -22.12 6.62
N LEU A 63 12.61 -21.74 7.26
CA LEU A 63 12.59 -20.47 7.99
C LEU A 63 13.61 -20.44 9.13
N GLU A 64 14.08 -21.60 9.58
CA GLU A 64 15.17 -21.65 10.55
C GLU A 64 16.51 -21.25 9.96
N ASN A 65 16.58 -20.98 8.65
CA ASN A 65 17.83 -20.67 7.98
C ASN A 65 17.78 -19.43 7.10
N THR A 66 16.63 -18.73 7.06
CA THR A 66 16.50 -17.55 6.21
C THR A 66 16.82 -16.30 7.02
N PRO A 67 17.81 -15.49 6.60
CA PRO A 67 18.08 -14.26 7.37
C PRO A 67 16.96 -13.24 7.28
N VAL A 68 16.35 -13.09 6.11
CA VAL A 68 15.30 -12.11 5.89
C VAL A 68 14.14 -12.80 5.18
N LEU A 69 12.93 -12.56 5.68
CA LEU A 69 11.72 -13.13 5.11
C LEU A 69 10.84 -11.99 4.61
N VAL A 70 10.33 -12.13 3.40
CA VAL A 70 9.42 -11.17 2.80
C VAL A 70 8.10 -11.87 2.54
N THR A 71 6.99 -11.22 2.89
CA THR A 71 5.66 -11.76 2.69
C THR A 71 4.77 -10.69 2.09
N GLY A 72 3.91 -11.10 1.16
CA GLY A 72 3.01 -10.17 0.52
C GLY A 72 2.06 -10.87 -0.42
N HIS A 73 1.57 -10.12 -1.40
CA HIS A 73 0.62 -10.62 -2.41
C HIS A 73 -0.65 -11.13 -1.76
N SER A 74 -1.09 -10.48 -0.68
CA SER A 74 -2.25 -10.98 0.03
C SER A 74 -2.75 -9.92 1.01
N ASP A 75 -4.04 -10.01 1.33
CA ASP A 75 -4.65 -9.20 2.37
C ASP A 75 -4.50 -9.81 3.76
N TYR A 76 -4.04 -11.05 3.85
CA TYR A 76 -3.75 -11.65 5.14
C TYR A 76 -2.71 -10.81 5.88
N ASP A 77 -2.80 -10.80 7.20
CA ASP A 77 -1.92 -10.01 8.05
C ASP A 77 -0.95 -10.93 8.79
N ILE A 78 0.09 -10.31 9.34
CA ILE A 78 1.03 -10.98 10.24
C ILE A 78 0.63 -10.61 11.66
N SER A 79 0.22 -11.60 12.44
CA SER A 79 -0.27 -11.38 13.79
C SER A 79 0.35 -12.43 14.71
N GLU A 80 -0.22 -12.57 15.91
CA GLU A 80 0.30 -13.53 16.88
C GLU A 80 0.43 -14.92 16.28
N ARG A 81 -0.39 -15.25 15.29
CA ARG A 81 -0.33 -16.58 14.69
C ARG A 81 1.05 -16.91 14.14
N GLU A 82 1.89 -15.89 13.92
CA GLU A 82 3.22 -16.09 13.37
C GLU A 82 4.32 -15.71 14.37
N ILE A 83 4.01 -15.63 15.66
CA ILE A 83 5.00 -15.21 16.63
C ILE A 83 6.11 -16.25 16.75
N ASP A 84 5.77 -17.54 16.64
CA ASP A 84 6.79 -18.57 16.72
C ASP A 84 7.85 -18.40 15.63
N ILE A 85 7.45 -17.92 14.45
CA ILE A 85 8.43 -17.63 13.41
C ILE A 85 9.20 -16.36 13.75
N ILE A 86 8.48 -15.30 14.15
CA ILE A 86 9.13 -14.05 14.51
C ILE A 86 10.17 -14.28 15.58
N ARG A 87 9.93 -15.22 16.50
CA ARG A 87 10.85 -15.51 17.59
C ARG A 87 12.11 -16.23 17.12
N LEU A 88 12.13 -16.75 15.91
CA LEU A 88 13.31 -17.46 15.41
C LEU A 88 14.52 -16.54 15.46
N PRO A 89 15.61 -16.93 16.13
CA PRO A 89 16.75 -16.01 16.25
C PRO A 89 17.44 -15.71 14.92
N ASN A 90 17.43 -16.64 13.97
CA ASN A 90 18.15 -16.44 12.73
C ASN A 90 17.45 -15.49 11.77
N ILE A 91 16.15 -15.28 11.93
CA ILE A 91 15.41 -14.32 11.11
C ILE A 91 15.71 -12.93 11.66
N ARG A 92 16.48 -12.14 10.92
CA ARG A 92 16.88 -10.82 11.37
C ARG A 92 15.86 -9.74 11.01
N ALA A 93 15.04 -9.99 9.99
CA ALA A 93 14.02 -9.03 9.58
C ALA A 93 12.91 -9.78 8.87
N TRP A 94 11.68 -9.35 9.10
CA TRP A 94 10.50 -9.87 8.41
C TRP A 94 9.79 -8.69 7.77
N PHE A 95 10.06 -8.47 6.49
CA PHE A 95 9.32 -7.47 5.73
C PHE A 95 7.99 -8.06 5.27
N CYS A 96 6.91 -7.36 5.53
CA CYS A 96 5.59 -7.91 5.30
C CYS A 96 4.61 -6.81 4.93
N GLN A 97 3.59 -7.21 4.18
CA GLN A 97 2.40 -6.38 3.98
C GLN A 97 1.40 -6.72 5.08
N ASN A 98 0.72 -5.69 5.58
CA ASN A 98 -0.26 -5.85 6.64
C ASN A 98 0.39 -6.35 7.94
N ARG A 99 1.30 -5.54 8.48
CA ARG A 99 1.88 -5.84 9.79
C ARG A 99 0.83 -5.61 10.87
N ASN A 100 0.48 -6.66 11.59
CA ASN A 100 -0.57 -6.60 12.60
C ASN A 100 -0.08 -7.15 13.92
N ILE A 101 1.16 -6.82 14.29
CA ILE A 101 1.74 -7.24 15.56
C ILE A 101 2.76 -6.20 16.01
N PRO A 102 2.75 -5.76 17.29
CA PRO A 102 3.76 -4.80 17.75
C PRO A 102 5.09 -5.46 18.13
N HIS A 103 5.86 -5.82 17.09
CA HIS A 103 7.13 -6.50 17.27
C HIS A 103 8.18 -5.78 16.43
N PRO A 104 9.32 -5.38 17.01
CA PRO A 104 10.30 -4.61 16.24
C PRO A 104 10.96 -5.39 15.12
N LYS A 105 10.90 -6.72 15.15
CA LYS A 105 11.51 -7.51 14.09
C LYS A 105 10.70 -7.46 12.79
N VAL A 106 9.42 -7.09 12.86
CA VAL A 106 8.55 -7.08 11.70
C VAL A 106 8.50 -5.67 11.13
N ILE A 107 8.78 -5.55 9.83
CA ILE A 107 8.87 -4.27 9.15
C ILE A 107 7.81 -4.23 8.06
N SER A 108 7.03 -3.14 8.03
CA SER A 108 6.02 -2.99 7.00
C SER A 108 6.64 -2.43 5.73
N PHE A 109 6.21 -2.95 4.59
CA PHE A 109 6.51 -2.30 3.33
C PHE A 109 5.22 -2.04 2.56
N PRO A 110 5.18 -0.99 1.74
CA PRO A 110 3.91 -0.58 1.12
C PRO A 110 3.30 -1.67 0.27
N LEU A 111 1.96 -1.72 0.28
CA LEU A 111 1.24 -2.54 -0.67
C LEU A 111 1.55 -2.10 -2.10
N GLY A 112 1.62 -0.79 -2.33
CA GLY A 112 2.06 -0.30 -3.61
C GLY A 112 0.94 -0.39 -4.62
N ILE A 113 1.28 -0.86 -5.83
CA ILE A 113 0.37 -0.91 -6.96
C ILE A 113 0.14 -2.37 -7.33
N THR A 114 -1.04 -2.64 -7.89
CA THR A 114 -1.38 -3.99 -8.30
C THR A 114 -0.35 -4.54 -9.27
N ASN A 115 -0.20 -5.86 -9.28
CA ASN A 115 0.75 -6.53 -10.16
C ASN A 115 0.10 -6.75 -11.51
N LYS A 116 0.54 -5.99 -12.51
CA LYS A 116 -0.04 -6.10 -13.85
C LYS A 116 0.15 -7.49 -14.44
N ASP A 117 1.23 -8.19 -14.06
CA ASP A 117 1.58 -9.47 -14.66
C ASP A 117 0.93 -10.65 -13.95
N GLU A 118 -0.14 -10.43 -13.21
CA GLU A 118 -0.86 -11.54 -12.60
C GLU A 118 -1.43 -12.45 -13.70
N PRO A 119 -1.19 -13.75 -13.65
CA PRO A 119 -1.60 -14.61 -14.78
C PRO A 119 -3.10 -14.59 -15.00
N ASN A 120 -3.49 -14.18 -16.22
CA ASN A 120 -4.87 -14.26 -16.68
C ASN A 120 -5.82 -13.52 -15.74
N SER A 121 -5.60 -12.22 -15.63
CA SER A 121 -6.48 -11.35 -14.84
C SER A 121 -6.46 -9.97 -15.49
N GLU A 122 -7.55 -9.62 -16.16
CA GLU A 122 -7.61 -8.33 -16.83
C GLU A 122 -7.64 -7.18 -15.83
N ILE A 123 -8.36 -7.36 -14.72
CA ILE A 123 -8.41 -6.31 -13.70
C ILE A 123 -7.01 -5.97 -13.22
N HIS A 124 -6.15 -6.98 -13.04
CA HIS A 124 -4.76 -6.72 -12.69
C HIS A 124 -4.05 -6.01 -13.83
N ARG A 125 -4.25 -6.48 -15.06
CA ARG A 125 -3.65 -5.84 -16.22
C ARG A 125 -4.12 -4.39 -16.38
N ILE A 126 -5.27 -4.04 -15.81
CA ILE A 126 -5.81 -2.70 -15.91
C ILE A 126 -5.28 -1.83 -14.77
N ILE A 127 -5.73 -2.10 -13.55
CA ILE A 127 -5.36 -1.27 -12.42
C ILE A 127 -3.92 -1.46 -11.99
N GLY A 128 -3.23 -2.47 -12.51
CA GLY A 128 -1.81 -2.64 -12.30
C GLY A 128 -0.94 -1.85 -13.25
N ASN A 129 -1.54 -0.98 -14.07
CA ASN A 129 -0.81 -0.24 -15.09
C ASN A 129 -0.21 1.01 -14.46
N THR A 130 1.08 0.95 -14.14
CA THR A 130 1.76 2.11 -13.58
C THR A 130 2.08 3.17 -14.61
N ASP A 131 2.17 2.80 -15.89
CA ASP A 131 2.42 3.80 -16.92
C ASP A 131 1.36 4.90 -16.90
N ARG A 132 0.10 4.53 -16.64
CA ARG A 132 -0.96 5.52 -16.55
C ARG A 132 -0.75 6.42 -15.33
N ILE A 133 -0.46 5.82 -14.18
CA ILE A 133 -0.23 6.62 -12.97
C ILE A 133 0.91 7.61 -13.22
N LEU A 134 1.97 7.15 -13.89
CA LEU A 134 3.08 8.04 -14.21
C LEU A 134 2.63 9.18 -15.13
N GLU A 135 1.80 8.87 -16.12
CA GLU A 135 1.34 9.89 -17.06
C GLU A 135 0.57 10.99 -16.33
N VAL A 136 -0.44 10.61 -15.54
CA VAL A 136 -1.25 11.60 -14.84
C VAL A 136 -0.39 12.44 -13.91
N SER A 137 0.59 11.81 -13.26
CA SER A 137 1.46 12.54 -12.34
C SER A 137 2.27 13.61 -13.03
N LYS A 138 2.36 13.56 -14.37
CA LYS A 138 3.11 14.57 -15.12
C LYS A 138 2.25 15.74 -15.57
N THR A 139 0.94 15.56 -15.62
CA THR A 139 0.05 16.62 -16.07
C THR A 139 -0.17 17.64 -14.96
N PRO A 140 -0.64 18.84 -15.32
CA PRO A 140 -0.86 19.86 -14.29
C PRO A 140 -1.92 19.42 -13.29
N LYS A 141 -1.61 19.59 -12.00
CA LYS A 141 -2.51 19.17 -10.93
C LYS A 141 -3.50 20.29 -10.64
N GLU A 142 -4.58 20.32 -11.43
CA GLU A 142 -5.64 21.30 -11.28
C GLU A 142 -6.65 20.75 -10.28
N ILE A 143 -6.70 21.33 -9.08
CA ILE A 143 -7.59 20.85 -8.03
C ILE A 143 -9.02 21.17 -8.41
N LYS A 144 -9.84 20.12 -8.56
CA LYS A 144 -11.25 20.30 -8.87
C LYS A 144 -12.12 20.30 -7.62
N ASN A 145 -11.72 19.59 -6.58
CA ASN A 145 -12.45 19.59 -5.32
C ASN A 145 -11.51 19.10 -4.22
N LEU A 146 -12.02 19.08 -2.99
CA LEU A 146 -11.19 18.80 -1.82
C LEU A 146 -10.87 17.31 -1.68
N VAL A 147 -11.91 16.48 -1.53
CA VAL A 147 -11.73 15.05 -1.28
C VAL A 147 -12.34 14.26 -2.41
N TYR A 148 -11.81 13.06 -2.62
CA TYR A 148 -12.26 12.15 -3.67
C TYR A 148 -12.66 10.83 -3.06
N MET A 149 -13.88 10.38 -3.35
CA MET A 149 -14.43 9.15 -2.78
C MET A 149 -14.74 8.17 -3.90
N ASN A 150 -14.04 7.04 -3.92
CA ASN A 150 -14.32 5.97 -4.87
C ASN A 150 -13.86 4.67 -4.19
N ILE A 151 -14.77 4.09 -3.40
CA ILE A 151 -14.47 2.89 -2.61
C ILE A 151 -15.56 1.87 -2.81
N THR A 152 -15.18 0.60 -2.72
CA THR A 152 -16.14 -0.51 -2.71
C THR A 152 -16.45 -0.84 -1.25
N VAL A 153 -17.65 -0.45 -0.80
CA VAL A 153 -18.00 -0.56 0.61
C VAL A 153 -17.90 -1.99 1.11
N LYS A 154 -18.02 -2.98 0.22
CA LYS A 154 -18.07 -4.38 0.64
C LYS A 154 -16.68 -4.99 0.86
N ASN A 155 -15.62 -4.19 0.78
CA ASN A 155 -14.29 -4.66 1.16
C ASN A 155 -14.03 -4.51 2.65
N PHE A 156 -14.66 -3.52 3.30
CA PHE A 156 -14.67 -3.40 4.75
C PHE A 156 -15.85 -2.53 5.18
N PRO A 157 -17.07 -3.06 5.16
CA PRO A 157 -18.25 -2.22 5.39
C PRO A 157 -18.21 -1.41 6.68
N GLU A 158 -17.66 -1.97 7.76
CA GLU A 158 -17.70 -1.29 9.05
C GLU A 158 -17.23 0.16 8.94
N GLU A 159 -16.08 0.37 8.29
CA GLU A 159 -15.56 1.72 8.10
C GLU A 159 -16.08 2.37 6.82
N ARG A 160 -16.10 1.61 5.72
CA ARG A 160 -16.42 2.20 4.42
C ARG A 160 -17.86 2.68 4.38
N GLN A 161 -18.81 1.89 4.88
CA GLN A 161 -20.20 2.30 4.87
C GLN A 161 -20.40 3.56 5.72
N ARG A 162 -19.64 3.69 6.80
CA ARG A 162 -19.74 4.89 7.64
C ARG A 162 -19.30 6.12 6.86
N ILE A 163 -18.25 6.00 6.05
CA ILE A 163 -17.77 7.14 5.27
C ILE A 163 -18.84 7.59 4.28
N VAL A 164 -19.41 6.64 3.54
CA VAL A 164 -20.43 6.99 2.55
C VAL A 164 -21.65 7.58 3.22
N ASP A 165 -22.06 7.01 4.35
CA ASP A 165 -23.23 7.51 5.06
C ASP A 165 -23.06 8.96 5.48
N LEU A 166 -21.82 9.40 5.67
CA LEU A 166 -21.53 10.72 6.24
C LEU A 166 -21.09 11.75 5.20
N TYR A 167 -20.20 11.37 4.30
CA TYR A 167 -19.49 12.34 3.47
C TYR A 167 -19.81 12.26 1.99
N SER A 168 -20.73 11.38 1.58
CA SER A 168 -21.11 11.34 0.16
C SER A 168 -21.89 12.59 -0.22
N ASP A 169 -22.72 13.10 0.68
CA ASP A 169 -23.60 14.22 0.40
C ASP A 169 -22.92 15.58 0.56
N LYS A 170 -21.62 15.60 0.83
CA LYS A 170 -20.93 16.87 1.06
C LYS A 170 -20.45 17.47 -0.25
N SER A 171 -20.59 18.79 -0.36
CA SER A 171 -20.19 19.47 -1.60
C SER A 171 -18.70 19.35 -1.84
N TRP A 172 -17.90 19.35 -0.78
CA TRP A 172 -16.45 19.23 -0.90
C TRP A 172 -15.99 17.79 -1.10
N VAL A 173 -16.91 16.88 -1.41
CA VAL A 173 -16.58 15.49 -1.72
C VAL A 173 -17.09 15.16 -3.11
N THR A 174 -16.31 14.40 -3.86
CA THR A 174 -16.69 13.93 -5.19
C THR A 174 -16.78 12.41 -5.17
N ILE A 175 -17.91 11.88 -5.62
CA ILE A 175 -18.09 10.44 -5.76
C ILE A 175 -17.56 10.04 -7.14
N GLY A 176 -16.71 9.02 -7.18
CA GLY A 176 -16.14 8.54 -8.43
C GLY A 176 -16.90 7.33 -8.95
N LYS A 177 -17.13 7.31 -10.26
CA LYS A 177 -17.86 6.22 -10.87
C LYS A 177 -16.99 4.97 -10.92
N GLY A 178 -17.65 3.81 -11.00
CA GLY A 178 -16.97 2.54 -11.08
C GLY A 178 -16.93 1.98 -12.49
N GLU A 179 -15.81 2.16 -13.18
CA GLU A 179 -15.63 1.68 -14.55
C GLU A 179 -14.31 0.91 -14.62
N VAL A 180 -14.40 -0.41 -14.70
CA VAL A 180 -13.21 -1.27 -14.78
C VAL A 180 -12.82 -1.39 -16.25
N SER A 181 -11.87 -0.55 -16.69
CA SER A 181 -11.42 -0.54 -18.07
C SER A 181 -10.20 0.37 -18.15
N GLU A 182 -9.43 0.21 -19.22
CA GLU A 182 -8.26 1.04 -19.44
C GLU A 182 -8.63 2.52 -19.41
N GLU A 183 -9.79 2.87 -19.98
CA GLU A 183 -10.25 4.25 -19.95
C GLU A 183 -10.84 4.61 -18.59
N GLY A 184 -11.69 3.73 -18.05
CA GLY A 184 -12.22 3.97 -16.72
C GLY A 184 -11.14 4.14 -15.67
N HIS A 185 -10.03 3.43 -15.82
CA HIS A 185 -8.91 3.60 -14.90
C HIS A 185 -8.25 4.95 -15.09
N ARG A 186 -8.01 5.35 -16.34
CA ARG A 186 -7.38 6.65 -16.59
C ARG A 186 -8.20 7.79 -16.00
N LYS A 187 -9.52 7.76 -16.19
CA LYS A 187 -10.36 8.77 -15.57
C LYS A 187 -10.27 8.72 -14.05
N PHE A 188 -10.26 7.51 -13.49
CA PHE A 188 -10.15 7.34 -12.05
C PHE A 188 -8.86 7.96 -11.53
N LEU A 189 -7.76 7.81 -12.27
CA LEU A 189 -6.51 8.45 -11.87
C LEU A 189 -6.58 9.96 -12.03
N GLU A 190 -7.04 10.42 -13.19
CA GLU A 190 -7.17 11.85 -13.43
C GLU A 190 -8.12 12.49 -12.42
N ASP A 191 -9.17 11.77 -12.02
CA ASP A 191 -10.11 12.30 -11.05
C ASP A 191 -9.46 12.44 -9.69
N MET A 192 -8.83 11.37 -9.19
CA MET A 192 -8.13 11.44 -7.91
C MET A 192 -6.97 12.43 -7.97
N TYR A 193 -6.33 12.56 -9.12
CA TYR A 193 -5.25 13.54 -9.27
C TYR A 193 -5.76 14.95 -9.06
N ALA A 194 -7.04 15.19 -9.30
CA ALA A 194 -7.62 16.52 -9.25
C ALA A 194 -8.22 16.87 -7.90
N HIS A 195 -7.81 16.17 -6.84
CA HIS A 195 -8.30 16.45 -5.50
C HIS A 195 -7.12 16.54 -4.54
N LYS A 196 -7.29 17.36 -3.51
CA LYS A 196 -6.24 17.51 -2.50
C LYS A 196 -6.15 16.26 -1.62
N PHE A 197 -7.28 15.62 -1.34
CA PHE A 197 -7.35 14.46 -0.46
C PHE A 197 -8.02 13.32 -1.20
N CYS A 198 -8.07 12.16 -0.54
CA CYS A 198 -8.79 11.01 -1.07
C CYS A 198 -9.04 10.03 0.06
N PHE A 199 -10.29 9.58 0.19
CA PHE A 199 -10.63 8.58 1.20
C PHE A 199 -9.91 7.27 0.90
N ALA A 200 -8.98 6.88 1.76
CA ALA A 200 -8.25 5.62 1.63
C ALA A 200 -8.48 4.78 2.89
N PRO A 201 -9.71 4.34 3.12
CA PRO A 201 -9.96 3.45 4.26
C PRO A 201 -9.48 2.03 3.96
N ARG A 202 -9.24 1.30 5.04
CA ARG A 202 -8.82 -0.08 4.90
C ARG A 202 -9.92 -0.89 4.21
N GLY A 203 -9.51 -2.00 3.60
CA GLY A 203 -10.45 -2.86 2.90
C GLY A 203 -10.44 -4.27 3.45
N ASN A 204 -10.48 -5.26 2.56
CA ASN A 204 -10.35 -6.65 3.00
C ASN A 204 -9.09 -6.84 3.81
N GLY A 205 -7.98 -6.25 3.37
CA GLY A 205 -6.78 -6.15 4.16
C GLY A 205 -6.62 -4.74 4.70
N ILE A 206 -5.75 -4.60 5.70
CA ILE A 206 -5.55 -3.28 6.29
C ILE A 206 -4.99 -2.31 5.26
N ASP A 207 -3.87 -2.68 4.64
CA ASP A 207 -3.31 -1.86 3.58
C ASP A 207 -4.20 -1.93 2.33
N THR A 208 -4.22 -0.82 1.59
CA THR A 208 -5.03 -0.73 0.38
C THR A 208 -4.21 -0.08 -0.73
N HIS A 209 -4.51 -0.46 -1.97
CA HIS A 209 -3.82 0.14 -3.10
C HIS A 209 -4.18 1.61 -3.27
N ARG A 210 -5.40 2.01 -2.90
CA ARG A 210 -5.80 3.40 -3.01
C ARG A 210 -4.84 4.31 -2.26
N LEU A 211 -4.33 3.84 -1.11
CA LEU A 211 -3.39 4.62 -0.33
C LEU A 211 -2.21 5.07 -1.18
N TRP A 212 -1.61 4.14 -1.92
CA TRP A 212 -0.39 4.42 -2.66
C TRP A 212 -0.65 4.98 -4.04
N GLU A 213 -1.78 4.63 -4.65
CA GLU A 213 -2.20 5.35 -5.86
C GLU A 213 -2.36 6.83 -5.56
N SER A 214 -2.96 7.16 -4.42
CA SER A 214 -3.15 8.56 -4.03
C SER A 214 -1.81 9.25 -3.83
N LEU A 215 -0.88 8.61 -3.13
CA LEU A 215 0.39 9.24 -2.82
C LEU A 215 1.23 9.45 -4.08
N TYR A 216 1.24 8.46 -4.98
CA TYR A 216 1.99 8.62 -6.22
C TYR A 216 1.46 9.78 -7.05
N LEU A 217 0.19 10.13 -6.87
CA LEU A 217 -0.43 11.26 -7.54
C LEU A 217 -0.41 12.53 -6.69
N ARG A 218 0.33 12.51 -5.57
CA ARG A 218 0.43 13.66 -4.68
C ARG A 218 -0.93 14.08 -4.14
N THR A 219 -1.86 13.14 -4.06
CA THR A 219 -3.14 13.36 -3.39
C THR A 219 -3.06 12.71 -2.02
N ILE A 220 -3.28 13.51 -0.98
CA ILE A 220 -3.13 13.04 0.40
C ILE A 220 -4.22 12.02 0.70
N PRO A 221 -3.88 10.76 0.98
CA PRO A 221 -4.92 9.81 1.40
C PRO A 221 -5.28 9.99 2.87
N ILE A 222 -6.55 9.70 3.17
CA ILE A 222 -7.07 9.75 4.52
C ILE A 222 -7.25 8.31 5.00
N VAL A 223 -6.61 7.97 6.12
CA VAL A 223 -6.58 6.61 6.64
C VAL A 223 -6.86 6.63 8.13
N LYS A 224 -7.46 5.55 8.61
CA LYS A 224 -7.69 5.39 10.04
C LYS A 224 -6.44 4.81 10.70
N LYS A 225 -6.21 5.23 11.93
CA LYS A 225 -5.00 4.82 12.63
C LYS A 225 -5.01 3.31 12.86
N HIS A 226 -3.86 2.68 12.64
CA HIS A 226 -3.72 1.24 12.76
C HIS A 226 -2.24 0.90 12.87
N ILE A 227 -1.93 -0.10 13.69
CA ILE A 227 -0.53 -0.49 13.88
C ILE A 227 0.13 -0.78 12.55
N ALA A 228 -0.61 -1.40 11.63
CA ALA A 228 -0.07 -1.69 10.31
C ALA A 228 0.41 -0.44 9.59
N MET A 229 -0.11 0.73 9.95
CA MET A 229 0.30 1.98 9.36
C MET A 229 1.23 2.79 10.28
N GLU A 230 1.56 2.26 11.46
CA GLU A 230 2.37 3.00 12.41
C GLU A 230 3.80 3.25 11.91
N GLN A 231 4.23 2.56 10.87
CA GLN A 231 5.56 2.76 10.30
C GLN A 231 5.55 3.62 9.05
N PHE A 232 4.39 4.18 8.69
CA PHE A 232 4.26 5.06 7.54
C PHE A 232 3.96 6.50 7.95
N THR A 233 4.11 6.83 9.23
CA THR A 233 3.79 8.17 9.72
C THR A 233 4.80 9.22 9.26
N ASP A 234 5.87 8.81 8.57
CA ASP A 234 6.78 9.75 7.93
C ASP A 234 6.43 9.99 6.47
N LEU A 235 5.20 9.67 6.07
CA LEU A 235 4.69 9.92 4.73
C LEU A 235 3.47 10.83 4.82
N PRO A 236 3.20 11.61 3.77
CA PRO A 236 2.09 12.57 3.85
C PRO A 236 0.73 11.87 3.80
N ILE A 237 0.40 11.17 4.88
CA ILE A 237 -0.88 10.49 5.02
C ILE A 237 -1.62 11.15 6.17
N LEU A 238 -2.91 11.44 5.96
CA LEU A 238 -3.75 12.04 7.00
C LEU A 238 -4.36 10.90 7.81
N PHE A 239 -3.83 10.67 9.00
CA PHE A 239 -4.31 9.61 9.88
C PHE A 239 -5.38 10.18 10.81
N VAL A 240 -6.49 9.45 10.95
CA VAL A 240 -7.63 9.89 11.72
C VAL A 240 -7.96 8.83 12.76
N ASN A 241 -8.40 9.29 13.94
CA ASN A 241 -8.81 8.35 14.98
C ASN A 241 -10.08 7.62 14.60
N ASP A 242 -11.04 8.33 14.02
CA ASP A 242 -12.28 7.74 13.56
C ASP A 242 -12.74 8.47 12.31
N TRP A 243 -13.76 7.92 11.66
CA TRP A 243 -14.32 8.53 10.45
C TRP A 243 -15.44 9.50 10.77
N GLU A 244 -15.32 10.22 11.88
CA GLU A 244 -16.36 11.15 12.34
C GLU A 244 -15.77 12.55 12.45
N ASN A 245 -16.64 13.54 12.24
CA ASN A 245 -16.29 14.95 12.43
C ASN A 245 -15.23 15.43 11.45
N ILE A 246 -15.17 14.85 10.26
CA ILE A 246 -14.32 15.38 9.20
C ILE A 246 -15.06 16.53 8.54
N THR A 247 -14.42 17.69 8.50
CA THR A 247 -15.03 18.90 7.97
C THR A 247 -14.06 19.57 7.00
N GLU A 248 -14.62 20.37 6.09
CA GLU A 248 -13.80 21.09 5.12
C GLU A 248 -12.76 21.96 5.82
N GLU A 249 -13.08 22.46 7.00
CA GLU A 249 -12.09 23.25 7.76
C GLU A 249 -10.95 22.36 8.23
N TYR A 250 -11.27 21.22 8.84
CA TYR A 250 -10.24 20.32 9.33
C TYR A 250 -9.29 19.92 8.20
N LEU A 251 -9.84 19.51 7.06
CA LEU A 251 -8.99 19.09 5.94
C LEU A 251 -8.20 20.27 5.39
N ASN A 252 -8.82 21.44 5.30
CA ASN A 252 -8.08 22.63 4.86
C ASN A 252 -6.93 22.92 5.82
N GLU A 253 -7.14 22.68 7.12
CA GLU A 253 -6.05 22.82 8.08
C GLU A 253 -4.94 21.82 7.80
N GLN A 254 -5.30 20.53 7.72
CA GLN A 254 -4.29 19.50 7.52
C GLN A 254 -3.60 19.63 6.17
N TYR A 255 -4.27 20.21 5.18
CA TYR A 255 -3.64 20.39 3.87
C TYR A 255 -2.46 21.34 3.98
N ASP A 256 -2.65 22.49 4.63
CA ASP A 256 -1.57 23.46 4.77
C ASP A 256 -0.43 22.88 5.59
N ILE A 257 -0.77 22.12 6.64
CA ILE A 257 0.27 21.49 7.47
C ILE A 257 1.02 20.43 6.66
N ILE A 258 0.28 19.50 6.06
CA ILE A 258 0.92 18.42 5.31
C ILE A 258 1.69 18.97 4.11
N MET A 259 1.24 20.08 3.54
CA MET A 259 1.93 20.66 2.39
C MET A 259 3.21 21.39 2.78
N ALA A 260 3.31 21.86 4.02
CA ALA A 260 4.49 22.59 4.48
C ALA A 260 5.57 21.68 5.04
N LYS A 261 5.25 20.42 5.33
CA LYS A 261 6.17 19.51 5.98
C LYS A 261 7.08 18.81 4.98
N ASP A 262 8.22 18.34 5.47
CA ASP A 262 9.10 17.46 4.72
C ASP A 262 8.73 16.02 5.02
N TRP A 263 8.82 15.17 4.00
CA TRP A 263 8.39 13.78 4.11
C TRP A 263 9.48 12.86 3.55
N ASN A 264 9.56 11.66 4.12
CA ASN A 264 10.45 10.62 3.63
C ASN A 264 9.87 9.98 2.37
N LEU A 265 9.76 10.79 1.33
CA LEU A 265 9.08 10.35 0.12
C LEU A 265 9.87 9.29 -0.64
N ASP A 266 11.15 9.12 -0.34
CA ASP A 266 11.90 8.03 -0.96
C ASP A 266 11.27 6.67 -0.65
N LYS A 267 10.56 6.57 0.49
CA LYS A 267 9.89 5.33 0.83
C LYS A 267 8.94 4.88 -0.26
N LEU A 268 8.36 5.83 -1.00
CA LEU A 268 7.46 5.50 -2.10
C LEU A 268 8.17 4.78 -3.25
N LYS A 269 9.50 4.80 -3.27
CA LYS A 269 10.27 4.22 -4.37
C LYS A 269 10.70 2.80 -4.03
N ILE A 270 10.76 1.97 -5.06
CA ILE A 270 11.13 0.56 -4.86
C ILE A 270 12.55 0.44 -4.35
N ASP A 271 13.40 1.44 -4.65
CA ASP A 271 14.79 1.36 -4.23
C ASP A 271 14.92 1.37 -2.71
N TYR A 272 14.11 2.19 -2.04
CA TYR A 272 14.16 2.25 -0.58
C TYR A 272 13.98 0.88 0.05
N TRP A 273 13.19 0.02 -0.60
CA TRP A 273 12.89 -1.30 -0.06
C TRP A 273 13.82 -2.38 -0.59
N TYR A 274 14.32 -2.23 -1.81
CA TYR A 274 15.49 -3.00 -2.22
C TYR A 274 16.63 -2.78 -1.23
N GLN A 275 16.95 -1.51 -0.96
CA GLN A 275 18.03 -1.19 -0.03
C GLN A 275 17.79 -1.83 1.33
N LYS A 276 16.59 -1.64 1.90
CA LYS A 276 16.34 -2.15 3.24
C LYS A 276 16.43 -3.67 3.29
N ILE A 277 16.06 -4.35 2.20
CA ILE A 277 16.17 -5.80 2.18
C ILE A 277 17.63 -6.22 2.05
N LEU A 278 18.42 -5.46 1.30
CA LEU A 278 19.84 -5.78 1.18
C LEU A 278 20.59 -5.48 2.47
N GLU A 279 20.24 -4.37 3.14
CA GLU A 279 20.89 -4.03 4.39
C GLU A 279 20.72 -5.14 5.42
N TYR A 280 19.49 -5.63 5.59
CA TYR A 280 19.22 -6.65 6.60
C TYR A 280 19.71 -8.02 6.17
N SER A 281 19.71 -8.31 4.87
CA SER A 281 20.18 -9.60 4.39
C SER A 281 21.69 -9.58 4.23
C1 GOL B . -0.42 6.45 14.66
O1 GOL B . -0.72 7.47 13.74
C2 GOL B . 0.25 5.31 13.87
O2 GOL B . 0.18 4.11 14.56
C3 GOL B . -0.48 5.23 12.51
O3 GOL B . -1.83 5.01 12.77
H11 GOL B . -1.21 6.11 15.10
H12 GOL B . 0.18 6.75 15.35
HO1 GOL B . -0.83 8.18 14.20
H2 GOL B . 1.19 5.51 13.74
HO2 GOL B . -0.08 3.51 14.03
H31 GOL B . -0.07 4.52 11.98
H32 GOL B . -0.30 6.04 12.01
HO3 GOL B . -1.87 4.38 13.34
CA CA C . 4.94 18.29 1.92
CA CA D . -13.02 12.87 15.39
MG MG E . 3.29 -1.24 11.15
MG MG F . -4.69 -7.27 6.55
MG MG G . -4.08 -4.86 15.94
MG MG H . 7.62 25.27 3.60
MG MG I . 1.11 18.63 -4.96
CAY O5R J . -6.94 -7.32 -6.36
OAX O5R J . -6.91 -8.75 -6.16
CAW O5R J . -6.21 -9.17 -5.01
CAU O5R J . -7.97 -9.15 -3.35
CAS O5R J . -8.87 -8.02 -2.89
CAR O5R J . -10.97 -7.50 -1.57
CAN O5R J . -8.88 -10.52 -1.49
C1 O5R J . -5.55 -11.26 -2.05
C2 O5R J . -4.80 -12.37 -2.76
C3 O5R J . -5.41 -13.73 -2.46
C4 O5R J . -5.54 -13.93 -0.96
C5 O5R J . -6.33 -12.77 -0.37
C6 O5R J . -6.47 -12.85 1.14
CAM O5R J . -7.61 -10.03 -2.17
CAQ O5R J . -10.09 -8.58 -2.17
CAZ O5R J . -7.80 -7.06 -7.56
CBA O5R J . -5.51 -6.80 -6.51
CBC O5R J . -4.67 -7.22 -5.32
CBE O5R J . -4.75 -8.73 -5.11
CBG O5R J . -10.30 -12.38 -1.85
CBH O5R J . -11.72 -12.40 -2.38
CBI O5R J . -11.80 -12.75 -3.86
CBJ O5R J . -12.87 -11.97 -4.62
CBK O5R J . -12.41 -10.59 -5.07
CBL O5R J . -13.52 -9.71 -5.61
CBM O5R J . -14.05 -10.13 -6.97
CBN O5R J . -15.23 -9.30 -7.42
O2 O5R J . -4.82 -12.14 -4.17
O3 O5R J . -4.61 -14.77 -3.02
O4 O5R J . -4.26 -13.99 -0.35
O5 O5R J . -5.66 -11.53 -0.66
O6 O5R J . -7.54 -12.03 1.62
OAL O5R J . -6.84 -11.15 -2.61
OAO O5R J . -9.59 -11.28 -2.42
OAP O5R J . -9.67 -9.43 -1.08
OAT O5R J . -8.15 -7.16 -2.02
OAV O5R J . -6.77 -8.58 -3.86
OBB O5R J . -5.52 -5.38 -6.61
OBD O5R J . -3.31 -6.84 -5.52
OBF O5R J . -4.11 -9.41 -6.18
HAY O5R J . -7.42 -6.84 -5.51
HAW O5R J . -6.41 -10.22 -4.88
HAU O5R J . -8.48 -9.75 -4.10
HAS O5R J . -9.21 -7.44 -3.75
H63 O5R J . -11.79 -7.93 -1.00
H64 O5R J . -11.40 -6.86 -2.33
HAR O5R J . -10.41 -6.87 -0.89
HAN O5R J . -8.65 -11.05 -0.56
H1 O5R J . -5.07 -10.30 -2.23
H21 O5R J . -3.76 -12.38 -2.43
H31 O5R J . -6.37 -13.86 -2.95
H41 O5R J . -6.00 -14.89 -0.72
H5 O5R J . -7.31 -12.64 -0.83
H61 O5R J . -5.54 -12.55 1.61
H62 O5R J . -6.63 -13.88 1.45
HAM O5R J . -7.05 -9.44 -1.44
HAQ O5R J . -10.67 -9.16 -2.89
HAZ O5R J . -7.41 -7.56 -8.45
H65 O5R J . -7.88 -5.99 -7.78
H66 O5R J . -8.81 -7.44 -7.41
HBA O5R J . -5.08 -7.21 -7.43
HBC O5R J . -4.94 -6.69 -4.41
HBE O5R J . -4.13 -9.03 -4.27
H67 O5R J . -10.23 -12.26 -0.76
HBG O5R J . -9.72 -13.28 -2.07
H68 O5R J . -12.18 -11.42 -2.20
HBH O5R J . -12.32 -13.08 -1.79
H69 O5R J . -12.00 -13.82 -3.96
HBI O5R J . -10.83 -12.60 -4.33
HBJ O5R J . -13.77 -11.86 -4.01
H7A O5R J . -13.18 -12.53 -5.50
H7B O5R J . -11.62 -10.68 -5.81
HBK O5R J . -11.92 -10.08 -4.22
H7C O5R J . -13.17 -8.68 -5.67
HBL O5R J . -14.34 -9.67 -4.90
H7D O5R J . -14.32 -11.18 -6.94
HBM O5R J . -13.25 -10.07 -7.71
H7E O5R J . -16.07 -9.40 -6.74
H7F O5R J . -15.58 -9.61 -8.41
HBN O5R J . -14.99 -8.25 -7.49
H22 O5R J . -4.55 -11.20 -4.32
H32 O5R J . -4.30 -15.39 -2.30
H42 O5R J . -4.35 -14.26 0.59
H7G O5R J . -8.37 -12.50 1.37
HAT O5R J . -8.66 -6.31 -1.97
HBB O5R J . -4.60 -5.08 -6.43
HBD O5R J . -3.08 -6.95 -6.48
HBF O5R J . -4.38 -10.36 -6.17
C1 EDO K . -8.86 -16.00 -0.41
O1 EDO K . -9.77 -14.95 -0.08
C2 EDO K . -8.68 -16.09 -1.92
O2 EDO K . -7.71 -17.10 -2.23
H11 EDO K . -7.90 -15.83 0.08
H12 EDO K . -9.26 -16.96 -0.02
HO1 EDO K . -9.88 -14.89 0.88
H21 EDO K . -9.64 -16.33 -2.40
H22 EDO K . -8.35 -15.13 -2.31
HO2 EDO K . -7.61 -17.15 -3.20
C1 EDO L . 13.73 21.08 1.85
O1 EDO L . 14.04 22.16 0.95
C2 EDO L . 13.20 19.90 1.06
O2 EDO L . 14.18 19.46 0.11
H11 EDO L . 14.62 20.80 2.41
H12 EDO L . 12.98 21.41 2.57
HO1 EDO L . 14.37 22.91 1.45
H21 EDO L . 12.96 19.08 1.75
H22 EDO L . 12.28 20.17 0.54
HO2 EDO L . 13.85 18.69 -0.36
C1 EDO M . -20.67 21.15 2.43
O1 EDO M . -20.39 21.07 3.83
C2 EDO M . -22.05 20.57 2.13
O2 EDO M . -23.05 21.31 2.87
H11 EDO M . -19.92 20.60 1.87
H12 EDO M . -20.63 22.20 2.11
HO1 EDO M . -19.51 21.44 4.01
H21 EDO M . -22.08 19.52 2.42
H22 EDO M . -22.26 20.64 1.07
HO2 EDO M . -23.92 20.98 2.62
C1 EDO N . -0.45 15.08 10.84
O1 EDO N . -0.17 15.77 9.61
C2 EDO N . -1.35 13.89 10.58
O2 EDO N . -0.71 12.99 9.66
H11 EDO N . -0.93 15.76 11.55
H12 EDO N . 0.49 14.75 11.29
HO1 EDO N . 0.41 16.51 9.79
H21 EDO N . -2.31 14.22 10.17
H22 EDO N . -1.55 13.35 11.52
HO2 EDO N . -1.25 12.20 9.55
C1 EDO O . 18.09 3.77 -2.30
O1 EDO O . 18.68 4.06 -3.58
C2 EDO O . 17.39 5.00 -1.75
O2 EDO O . 16.39 5.47 -2.68
H11 EDO O . 18.88 3.46 -1.61
H12 EDO O . 17.38 2.95 -2.40
HO1 EDO O . 19.13 3.28 -3.92
H21 EDO O . 18.11 5.80 -1.56
H22 EDO O . 16.91 4.76 -0.80
HO2 EDO O . 15.92 6.23 -2.30
C1 EDO P . 9.16 5.69 11.01
O1 EDO P . 7.85 5.62 10.45
C2 EDO P . 9.68 4.29 11.31
O2 EDO P . 9.60 3.49 10.13
H11 EDO P . 9.13 6.29 11.93
H12 EDO P . 9.84 6.20 10.32
HO1 EDO P . 7.53 6.51 10.24
H21 EDO P . 9.11 3.84 12.11
H22 EDO P . 10.73 4.36 11.65
HO2 EDO P . 9.96 2.61 10.31
C1 EDO Q . -25.68 15.40 6.33
O1 EDO Q . -25.06 15.69 7.59
C2 EDO Q . -25.52 13.92 6.02
O2 EDO Q . -26.19 13.13 7.01
H11 EDO Q . -25.21 16.00 5.55
H12 EDO Q . -26.74 15.66 6.37
HO1 EDO Q . -25.17 16.63 7.80
H21 EDO Q . -24.46 13.65 6.00
H22 EDO Q . -25.95 13.70 5.03
HO2 EDO Q . -26.14 12.20 6.76
C1 EDO R . -8.06 -0.56 -6.79
O1 EDO R . -9.27 -0.24 -6.08
C2 EDO R . -7.73 0.55 -7.78
O2 EDO R . -8.92 0.97 -8.46
H11 EDO R . -8.19 -1.51 -7.33
H12 EDO R . -7.24 -0.69 -6.09
HO1 EDO R . -9.53 -0.99 -5.55
H21 EDO R . -6.99 0.20 -8.50
H22 EDO R . -7.30 1.40 -7.24
HO2 EDO R . -8.68 1.53 -9.21
C1 PEG S . -9.86 -12.70 4.06
O1 PEG S . -10.68 -11.75 3.43
C2 PEG S . -9.14 -12.06 5.24
O2 PEG S . -8.08 -11.26 4.76
C3 PEG S . -7.92 -10.04 5.42
C4 PEG S . -7.14 -10.21 6.72
O4 PEG S . -7.18 -9.02 7.46
H11 PEG S . -10.41 -13.43 4.38
H12 PEG S . -9.21 -13.03 3.42
HO1 PEG S . -11.40 -12.12 3.18
H21 PEG S . -9.75 -11.50 5.74
H22 PEG S . -8.78 -12.75 5.82
H31 PEG S . -7.44 -9.42 4.84
H32 PEG S . -8.79 -9.67 5.63
H41 PEG S . -7.53 -10.93 7.24
H42 PEG S . -6.21 -10.44 6.52
HO4 PEG S . -6.65 -9.08 8.12
N1 BCN T . -11.35 14.29 13.15
C1 BCN T . -9.94 14.16 13.60
C2 BCN T . -9.73 12.75 14.16
O21 BCN T . -8.58 12.22 14.13
O22 BCN T . -10.70 12.11 14.63
C3 BCN T . -11.78 15.69 13.26
C4 BCN T . -11.37 16.24 14.64
O4 BCN T . -11.83 15.34 15.63
C5 BCN T . -11.46 13.82 11.75
C6 BCN T . -11.77 12.31 11.75
O6 BCN T . -12.25 11.94 13.02
#